data_1QKB
#
_entry.id   1QKB
#
_cell.length_a   109.730
_cell.length_b   75.780
_cell.length_c   70.270
_cell.angle_alpha   90.00
_cell.angle_beta   90.00
_cell.angle_gamma   90.00
#
_symmetry.space_group_name_H-M   'P 21 21 21'
#
loop_
_entity.id
_entity.type
_entity.pdbx_description
1 polymer 'PERIPLASMIC OLIGOPEPTIDE-BINDING PROTEIN'
2 polymer 'PEPTIDE LYS-VAL-LYS'
3 non-polymer 'URANYL (VI) ION'
4 non-polymer 'ACETATE ION'
5 water water
#
loop_
_entity_poly.entity_id
_entity_poly.type
_entity_poly.pdbx_seq_one_letter_code
_entity_poly.pdbx_strand_id
1 'polypeptide(L)'
;ADVPAGVQLADKQTLVRNNGSEVQSLDPHKIEGVPESNVSRDLFEGLLISDVEGHPSPGVAEKWENKDFKVWTFHLRENA
KWSDGTPVTAHDFVYSWQRLADPNTASPYASYLQYGHIANIDDIIAGKKPATDLGVKALDDHTFEVTLSEPVPYFYKLLV
HPSVSPVPKSAVEKFGDKWTQPANIVTNGAYKLKNWVVNERIVLERNPQYWDNAKTVINQVTYLPISSEVTDVNRYRSGE
IDMTYNNMPIELFQKLKKEIPNEVRVDPYLCTYYYEINNQKAPFNDVRVRTALKLALDRDIIVNKVKNQGDLPAYSYTPP
YTDGAKLVEPEWFKWSQQKRNEEAKKLLAEAGFTADKPLTFDLLYNTSDLHKKLAIAVASIWKKNLGVNVNLENQEWKTF
LDTRHQGTFDVARAGWCADYNEPTSFLNTMLSDSSNNTAHYKSPAFDKLIADTLKVADDTQRSELYAKAEQQLDKDSAIV
PVYYYVNARLVKPWVGGYTGKDPLDNIYVKNLYIIKH
;
A
2 'polypeptide(L)' KVK B
#
loop_
_chem_comp.id
_chem_comp.type
_chem_comp.name
_chem_comp.formula
ACT non-polymer 'ACETATE ION' 'C2 H3 O2 -1'
IUM non-polymer 'URANYL (VI) ION' 'O2 U 2'
#
# COMPACT_ATOMS: atom_id res chain seq x y z
N ALA A 1 -6.07 -19.47 12.55
CA ALA A 1 -6.12 -20.34 11.36
C ALA A 1 -7.26 -21.35 11.55
N ASP A 2 -7.90 -21.72 10.45
CA ASP A 2 -8.96 -22.73 10.52
C ASP A 2 -8.46 -23.95 9.74
N VAL A 3 -7.84 -24.91 10.42
CA VAL A 3 -7.29 -26.09 9.76
C VAL A 3 -8.40 -27.07 9.37
N PRO A 4 -8.55 -27.32 8.09
CA PRO A 4 -9.57 -28.21 7.57
C PRO A 4 -9.48 -29.59 8.19
N ALA A 5 -10.65 -30.20 8.42
CA ALA A 5 -10.73 -31.54 8.99
C ALA A 5 -9.86 -32.47 8.15
N GLY A 6 -9.09 -33.35 8.79
CA GLY A 6 -8.26 -34.27 8.02
C GLY A 6 -6.94 -33.75 7.52
N VAL A 7 -6.57 -32.47 7.68
CA VAL A 7 -5.23 -32.11 7.18
C VAL A 7 -4.27 -32.51 8.30
N GLN A 8 -3.14 -33.06 7.93
CA GLN A 8 -2.13 -33.44 8.92
C GLN A 8 -1.16 -32.26 9.09
N LEU A 9 -1.02 -31.75 10.30
CA LEU A 9 -0.09 -30.64 10.46
C LEU A 9 1.34 -31.11 10.61
N ALA A 10 2.26 -30.27 10.12
CA ALA A 10 3.67 -30.53 10.29
C ALA A 10 3.97 -30.38 11.78
N ASP A 11 4.96 -31.11 12.26
CA ASP A 11 5.39 -31.02 13.66
C ASP A 11 5.92 -29.60 13.95
N LYS A 12 6.75 -29.08 13.06
CA LYS A 12 7.35 -27.78 13.15
C LYS A 12 6.51 -26.77 12.38
N GLN A 13 5.92 -25.82 13.13
CA GLN A 13 5.04 -24.84 12.50
C GLN A 13 5.78 -23.52 12.38
N THR A 14 6.67 -23.47 11.39
CA THR A 14 7.47 -22.26 11.15
C THR A 14 7.35 -21.89 9.66
N LEU A 15 7.48 -20.61 9.42
CA LEU A 15 7.28 -20.04 8.09
C LEU A 15 8.36 -19.02 7.82
N VAL A 16 8.82 -19.01 6.57
CA VAL A 16 9.80 -18.04 6.11
C VAL A 16 9.17 -17.34 4.90
N ARG A 17 9.01 -16.03 5.03
CA ARG A 17 8.46 -15.21 3.94
C ARG A 17 9.44 -14.18 3.46
N ASN A 18 9.55 -13.96 2.14
CA ASN A 18 10.39 -12.85 1.71
C ASN A 18 9.50 -11.58 1.75
N ASN A 19 10.06 -10.44 2.09
CA ASN A 19 9.25 -9.23 2.29
C ASN A 19 9.69 -8.09 1.40
N GLY A 20 10.51 -8.38 0.39
CA GLY A 20 10.89 -7.42 -0.62
C GLY A 20 11.95 -6.41 -0.31
N SER A 21 12.08 -5.95 0.92
CA SER A 21 13.06 -4.98 1.32
C SER A 21 13.07 -4.87 2.85
N GLU A 22 14.05 -4.12 3.33
CA GLU A 22 14.14 -3.80 4.74
C GLU A 22 13.04 -2.78 5.04
N VAL A 23 12.27 -3.03 6.10
CA VAL A 23 11.17 -2.14 6.42
C VAL A 23 11.65 -0.74 6.80
N GLN A 24 10.79 0.23 6.56
CA GLN A 24 11.03 1.61 6.95
C GLN A 24 11.14 1.64 8.49
N SER A 25 10.19 0.94 9.12
CA SER A 25 10.02 1.00 10.56
C SER A 25 9.07 -0.10 11.01
N LEU A 26 8.95 -0.34 12.33
CA LEU A 26 7.92 -1.19 12.86
C LEU A 26 6.89 -0.34 13.62
N ASP A 27 7.11 0.97 13.61
CA ASP A 27 6.15 1.86 14.28
C ASP A 27 5.01 2.11 13.30
N PRO A 28 3.79 1.74 13.66
CA PRO A 28 2.64 1.86 12.79
C PRO A 28 2.42 3.26 12.27
N HIS A 29 2.88 4.31 12.98
CA HIS A 29 2.69 5.69 12.55
C HIS A 29 3.84 6.17 11.68
N LYS A 30 4.84 5.34 11.44
CA LYS A 30 5.97 5.84 10.60
C LYS A 30 6.07 5.05 9.31
N ILE A 31 5.07 4.28 8.94
CA ILE A 31 5.18 3.40 7.77
C ILE A 31 4.15 3.71 6.69
N GLU A 32 4.52 3.34 5.44
CA GLU A 32 3.53 3.55 4.38
C GLU A 32 3.52 2.49 3.31
N GLY A 33 4.39 1.48 3.42
CA GLY A 33 4.47 0.53 2.29
C GLY A 33 3.98 -0.89 2.61
N VAL A 34 3.97 -1.70 1.55
CA VAL A 34 3.56 -3.10 1.61
C VAL A 34 4.44 -3.93 2.51
N PRO A 35 5.76 -3.86 2.41
CA PRO A 35 6.62 -4.65 3.28
C PRO A 35 6.39 -4.28 4.74
N GLU A 36 6.22 -2.98 5.01
CA GLU A 36 6.01 -2.54 6.38
C GLU A 36 4.69 -3.10 6.91
N SER A 37 3.65 -2.99 6.07
CA SER A 37 2.30 -3.41 6.48
C SER A 37 2.24 -4.92 6.66
N ASN A 38 3.06 -5.65 5.88
CA ASN A 38 3.08 -7.11 6.01
C ASN A 38 3.47 -7.51 7.43
N VAL A 39 4.53 -6.89 7.92
CA VAL A 39 4.99 -7.19 9.28
C VAL A 39 4.00 -6.60 10.28
N SER A 40 3.50 -5.39 10.02
CA SER A 40 2.59 -4.71 10.95
C SER A 40 1.36 -5.55 11.25
N ARG A 41 0.77 -6.24 10.27
CA ARG A 41 -0.44 -7.02 10.55
C ARG A 41 -0.17 -8.15 11.54
N ASP A 42 1.03 -8.70 11.60
CA ASP A 42 1.28 -9.76 12.57
C ASP A 42 1.49 -9.21 13.97
N LEU A 43 1.93 -7.95 14.08
CA LEU A 43 2.22 -7.41 15.39
C LEU A 43 1.19 -6.50 16.03
N PHE A 44 0.51 -5.67 15.24
CA PHE A 44 -0.40 -4.68 15.85
C PHE A 44 -1.77 -4.89 15.25
N GLU A 45 -2.75 -4.99 16.16
CA GLU A 45 -4.11 -5.21 15.66
C GLU A 45 -5.04 -4.04 16.01
N GLY A 46 -5.71 -3.56 14.97
CA GLY A 46 -6.63 -2.43 15.15
C GLY A 46 -8.05 -2.88 15.47
N LEU A 47 -8.99 -1.96 15.24
CA LEU A 47 -10.40 -2.18 15.58
C LEU A 47 -10.97 -3.37 14.82
N LEU A 48 -10.68 -3.40 13.52
CA LEU A 48 -11.12 -4.47 12.63
C LEU A 48 -9.87 -5.06 11.94
N ILE A 49 -10.02 -6.28 11.42
CA ILE A 49 -8.94 -6.91 10.63
C ILE A 49 -9.62 -7.48 9.38
N SER A 50 -8.84 -7.88 8.38
CA SER A 50 -9.42 -8.58 7.23
C SER A 50 -9.54 -10.06 7.57
N ASP A 51 -10.58 -10.74 7.13
CA ASP A 51 -10.60 -12.19 7.33
C ASP A 51 -9.70 -12.83 6.27
N VAL A 52 -9.70 -14.15 6.12
CA VAL A 52 -8.85 -14.77 5.11
C VAL A 52 -9.26 -14.46 3.70
N GLU A 53 -10.43 -13.90 3.44
CA GLU A 53 -10.83 -13.55 2.07
C GLU A 53 -10.79 -12.05 1.85
N GLY A 54 -10.38 -11.29 2.86
CA GLY A 54 -10.24 -9.86 2.80
C GLY A 54 -11.41 -9.06 3.35
N HIS A 55 -12.47 -9.73 3.82
CA HIS A 55 -13.62 -8.98 4.34
C HIS A 55 -13.29 -8.32 5.68
N PRO A 56 -13.69 -7.09 5.85
CA PRO A 56 -13.46 -6.37 7.11
C PRO A 56 -14.18 -7.18 8.19
N SER A 57 -13.55 -7.45 9.29
CA SER A 57 -14.08 -8.34 10.32
C SER A 57 -13.58 -7.88 11.67
N PRO A 58 -14.17 -8.44 12.76
CA PRO A 58 -13.80 -8.01 14.11
C PRO A 58 -12.33 -8.16 14.42
N GLY A 59 -11.71 -7.13 14.97
CA GLY A 59 -10.31 -7.15 15.38
C GLY A 59 -10.39 -6.96 16.91
N VAL A 60 -9.82 -5.86 17.40
CA VAL A 60 -9.99 -5.59 18.85
C VAL A 60 -11.45 -5.27 19.11
N ALA A 61 -12.14 -4.63 18.18
CA ALA A 61 -13.58 -4.40 18.33
C ALA A 61 -14.36 -5.67 17.97
N GLU A 62 -15.16 -6.18 18.93
CA GLU A 62 -15.97 -7.37 18.62
C GLU A 62 -17.27 -6.98 17.92
N LYS A 63 -17.78 -5.79 18.18
CA LYS A 63 -18.98 -5.32 17.50
C LYS A 63 -18.98 -3.80 17.46
N TRP A 64 -19.74 -3.26 16.52
CA TRP A 64 -19.79 -1.81 16.35
C TRP A 64 -21.10 -1.36 15.73
N GLU A 65 -21.43 -0.08 15.97
CA GLU A 65 -22.63 0.49 15.39
C GLU A 65 -22.30 1.87 14.86
N ASN A 66 -23.20 2.42 14.06
CA ASN A 66 -23.01 3.78 13.57
C ASN A 66 -24.33 4.56 13.63
N LYS A 67 -24.23 5.86 13.89
CA LYS A 67 -25.37 6.76 13.87
C LYS A 67 -25.17 7.70 12.69
N ASP A 68 -26.01 7.56 11.66
CA ASP A 68 -26.00 8.34 10.45
C ASP A 68 -24.66 8.29 9.71
N PHE A 69 -23.87 7.24 9.89
CA PHE A 69 -22.55 7.09 9.30
C PHE A 69 -21.60 8.19 9.76
N LYS A 70 -21.90 8.85 10.88
CA LYS A 70 -21.10 9.96 11.38
C LYS A 70 -20.56 9.67 12.75
N VAL A 71 -21.30 8.96 13.61
CA VAL A 71 -20.71 8.63 14.92
C VAL A 71 -20.60 7.11 14.97
N TRP A 72 -19.38 6.62 15.08
CA TRP A 72 -19.12 5.18 15.07
C TRP A 72 -18.70 4.71 16.44
N THR A 73 -19.37 3.70 16.97
CA THR A 73 -19.10 3.20 18.32
C THR A 73 -18.60 1.77 18.30
N PHE A 74 -17.39 1.57 18.78
CA PHE A 74 -16.72 0.26 18.74
C PHE A 74 -16.66 -0.37 20.12
N HIS A 75 -17.22 -1.56 20.25
CA HIS A 75 -17.22 -2.31 21.50
C HIS A 75 -16.00 -3.23 21.55
N LEU A 76 -15.01 -2.89 22.35
CA LEU A 76 -13.77 -3.68 22.38
C LEU A 76 -13.89 -4.95 23.19
N ARG A 77 -13.41 -6.08 22.65
CA ARG A 77 -13.51 -7.32 23.44
C ARG A 77 -12.77 -7.20 24.76
N GLU A 78 -13.38 -7.77 25.83
CA GLU A 78 -12.81 -7.66 27.17
C GLU A 78 -11.45 -8.29 27.34
N ASN A 79 -11.13 -9.34 26.58
CA ASN A 79 -9.85 -10.03 26.72
C ASN A 79 -8.76 -9.67 25.73
N ALA A 80 -8.88 -8.56 25.03
CA ALA A 80 -7.81 -8.09 24.14
C ALA A 80 -6.67 -7.61 25.03
N LYS A 81 -5.48 -8.17 24.83
CA LYS A 81 -4.33 -7.81 25.64
C LYS A 81 -3.08 -7.54 24.79
N TRP A 82 -2.15 -6.80 25.34
CA TRP A 82 -0.84 -6.57 24.78
C TRP A 82 0.05 -7.74 25.17
N SER A 83 1.24 -7.84 24.59
CA SER A 83 2.15 -8.94 24.82
C SER A 83 2.75 -8.98 26.23
N ASP A 84 2.62 -7.86 26.95
CA ASP A 84 3.07 -7.83 28.34
C ASP A 84 1.95 -8.19 29.30
N GLY A 85 0.82 -8.67 28.78
CA GLY A 85 -0.33 -9.05 29.55
C GLY A 85 -1.34 -7.97 29.91
N THR A 86 -1.02 -6.71 29.66
CA THR A 86 -1.94 -5.62 30.01
C THR A 86 -3.05 -5.50 29.00
N PRO A 87 -4.21 -4.99 29.41
CA PRO A 87 -5.37 -4.92 28.56
C PRO A 87 -5.21 -3.89 27.44
N VAL A 88 -5.73 -4.19 26.28
CA VAL A 88 -5.84 -3.16 25.21
C VAL A 88 -7.14 -2.44 25.52
N THR A 89 -7.12 -1.10 25.62
CA THR A 89 -8.35 -0.40 26.01
C THR A 89 -8.71 0.61 24.94
N ALA A 90 -9.84 1.30 25.12
CA ALA A 90 -10.16 2.38 24.17
C ALA A 90 -9.20 3.56 24.38
N HIS A 91 -8.60 3.70 25.55
CA HIS A 91 -7.65 4.79 25.80
C HIS A 91 -6.42 4.61 24.89
N ASP A 92 -6.03 3.35 24.63
CA ASP A 92 -4.94 3.09 23.71
C ASP A 92 -5.27 3.64 22.33
N PHE A 93 -6.51 3.43 21.87
CA PHE A 93 -6.93 3.94 20.57
C PHE A 93 -6.96 5.46 20.56
N VAL A 94 -7.44 6.07 21.67
CA VAL A 94 -7.47 7.53 21.73
C VAL A 94 -6.07 8.09 21.61
N TYR A 95 -5.13 7.61 22.41
CA TYR A 95 -3.76 8.10 22.32
C TYR A 95 -3.21 7.84 20.92
N SER A 96 -3.40 6.63 20.41
CA SER A 96 -2.78 6.32 19.11
C SER A 96 -3.27 7.17 17.96
N TRP A 97 -4.60 7.36 17.84
CA TRP A 97 -5.12 8.17 16.76
C TRP A 97 -4.68 9.62 16.95
N GLN A 98 -4.55 10.10 18.21
CA GLN A 98 -4.04 11.46 18.38
C GLN A 98 -2.59 11.55 17.92
N ARG A 99 -1.77 10.54 18.20
CA ARG A 99 -0.36 10.53 17.84
C ARG A 99 -0.24 10.47 16.31
N LEU A 100 -1.12 9.69 15.67
CA LEU A 100 -1.14 9.71 14.21
C LEU A 100 -1.44 11.10 13.67
N ALA A 101 -2.40 11.85 14.24
CA ALA A 101 -2.81 13.15 13.78
C ALA A 101 -1.76 14.25 14.05
N ASP A 102 -1.04 14.11 15.14
CA ASP A 102 -0.09 15.12 15.58
C ASP A 102 1.01 15.35 14.55
N PRO A 103 1.16 16.58 14.09
CA PRO A 103 2.18 16.94 13.12
C PRO A 103 3.59 16.65 13.58
N ASN A 104 3.85 16.70 14.89
CA ASN A 104 5.17 16.33 15.39
C ASN A 104 5.54 14.88 15.10
N THR A 105 4.56 13.99 14.91
CA THR A 105 4.86 12.60 14.57
C THR A 105 5.27 12.45 13.11
N ALA A 106 4.83 13.40 12.29
CA ALA A 106 5.14 13.45 10.87
C ALA A 106 4.89 12.12 10.17
N SER A 107 3.74 11.53 10.45
CA SER A 107 3.43 10.24 9.81
C SER A 107 3.13 10.51 8.35
N PRO A 108 3.60 9.60 7.47
CA PRO A 108 3.21 9.65 6.07
C PRO A 108 1.73 9.38 5.90
N TYR A 109 1.10 8.73 6.90
CA TYR A 109 -0.31 8.44 6.88
C TYR A 109 -1.12 9.31 7.84
N ALA A 110 -0.61 10.51 8.17
CA ALA A 110 -1.45 11.47 8.91
C ALA A 110 -2.77 11.75 8.21
N SER A 111 -2.79 11.84 6.88
CA SER A 111 -4.01 12.09 6.13
C SER A 111 -5.02 10.98 6.12
N TYR A 112 -4.72 9.80 6.64
CA TYR A 112 -5.67 8.70 6.71
C TYR A 112 -6.87 9.17 7.55
N LEU A 113 -6.63 10.02 8.56
CA LEU A 113 -7.71 10.54 9.39
C LEU A 113 -8.53 11.58 8.63
N GLN A 114 -7.98 12.24 7.63
CA GLN A 114 -8.69 13.10 6.73
C GLN A 114 -9.55 12.23 5.79
N TYR A 115 -9.00 11.12 5.31
CA TYR A 115 -9.74 10.21 4.43
C TYR A 115 -11.00 9.69 5.13
N GLY A 116 -10.89 9.45 6.45
CA GLY A 116 -12.08 9.01 7.19
C GLY A 116 -12.87 10.20 7.70
N HIS A 117 -12.37 11.42 7.58
CA HIS A 117 -13.04 12.63 8.01
C HIS A 117 -13.32 12.68 9.51
N ILE A 118 -12.37 12.24 10.31
CA ILE A 118 -12.54 12.33 11.76
C ILE A 118 -12.61 13.82 12.11
N ALA A 119 -13.53 14.17 13.01
CA ALA A 119 -13.67 15.59 13.35
C ALA A 119 -12.37 16.25 13.78
N ASN A 120 -12.20 17.48 13.31
CA ASN A 120 -11.13 18.41 13.57
C ASN A 120 -9.77 18.04 13.00
N ILE A 121 -9.66 17.00 12.16
CA ILE A 121 -8.33 16.62 11.67
C ILE A 121 -7.62 17.68 10.83
N ASP A 122 -8.31 18.45 9.99
CA ASP A 122 -7.62 19.45 9.16
C ASP A 122 -6.89 20.47 10.04
N ASP A 123 -7.60 21.05 11.01
CA ASP A 123 -6.99 21.99 11.93
C ASP A 123 -5.83 21.40 12.72
N ILE A 124 -5.93 20.12 13.07
CA ILE A 124 -4.88 19.47 13.83
C ILE A 124 -3.65 19.31 12.94
N ILE A 125 -3.88 18.84 11.72
CA ILE A 125 -2.72 18.67 10.81
C ILE A 125 -2.07 20.03 10.55
N ALA A 126 -2.87 21.09 10.45
CA ALA A 126 -2.37 22.43 10.16
C ALA A 126 -1.77 23.14 11.36
N GLY A 127 -1.77 22.52 12.55
CA GLY A 127 -1.23 23.08 13.75
C GLY A 127 -2.17 24.09 14.42
N LYS A 128 -3.40 24.21 13.95
CA LYS A 128 -4.34 25.19 14.47
C LYS A 128 -5.03 24.74 15.75
N LYS A 129 -5.12 23.42 15.94
CA LYS A 129 -5.74 22.84 17.11
C LYS A 129 -4.82 21.72 17.60
N PRO A 130 -4.74 21.50 18.90
CA PRO A 130 -3.95 20.42 19.45
C PRO A 130 -4.55 19.06 19.07
N ALA A 131 -3.72 18.02 19.06
CA ALA A 131 -4.14 16.67 18.68
C ALA A 131 -5.23 16.11 19.57
N THR A 132 -5.31 16.59 20.82
CA THR A 132 -6.31 16.18 21.78
C THR A 132 -7.68 16.71 21.44
N ASP A 133 -7.86 17.51 20.39
CA ASP A 133 -9.17 17.94 19.92
C ASP A 133 -9.69 16.95 18.88
N LEU A 134 -8.93 15.90 18.56
CA LEU A 134 -9.41 14.97 17.53
C LEU A 134 -10.73 14.36 17.94
N GLY A 135 -11.63 14.15 17.01
CA GLY A 135 -12.96 13.59 17.33
C GLY A 135 -12.99 12.11 17.68
N VAL A 136 -12.24 11.69 18.69
CA VAL A 136 -12.24 10.35 19.22
C VAL A 136 -12.34 10.43 20.75
N LYS A 137 -13.05 9.49 21.33
CA LYS A 137 -13.07 9.43 22.80
C LYS A 137 -13.27 8.01 23.29
N ALA A 138 -12.79 7.71 24.49
CA ALA A 138 -13.03 6.43 25.13
C ALA A 138 -14.25 6.65 26.08
N LEU A 139 -15.36 6.00 25.80
CA LEU A 139 -16.56 6.21 26.65
C LEU A 139 -16.37 5.41 27.94
N ASP A 140 -15.57 4.36 27.82
CA ASP A 140 -15.11 3.57 28.94
C ASP A 140 -13.87 2.79 28.46
N ASP A 141 -13.31 1.91 29.28
CA ASP A 141 -12.15 1.13 28.86
C ASP A 141 -12.46 0.25 27.66
N HIS A 142 -13.70 -0.14 27.40
CA HIS A 142 -13.93 -1.07 26.29
C HIS A 142 -14.79 -0.48 25.20
N THR A 143 -14.91 0.84 25.15
CA THR A 143 -15.77 1.48 24.18
C THR A 143 -15.10 2.68 23.53
N PHE A 144 -14.82 2.59 22.24
CA PHE A 144 -14.15 3.67 21.53
C PHE A 144 -15.14 4.32 20.59
N GLU A 145 -15.33 5.64 20.66
CA GLU A 145 -16.30 6.36 19.87
C GLU A 145 -15.63 7.39 18.94
N VAL A 146 -15.98 7.26 17.67
CA VAL A 146 -15.33 8.12 16.65
C VAL A 146 -16.39 9.01 16.06
N THR A 147 -16.11 10.31 15.98
CA THR A 147 -17.06 11.25 15.44
C THR A 147 -16.50 11.86 14.16
N LEU A 148 -17.20 11.72 13.06
CA LEU A 148 -16.78 12.26 11.77
C LEU A 148 -17.48 13.57 11.46
N SER A 149 -16.89 14.36 10.56
CA SER A 149 -17.53 15.64 10.20
C SER A 149 -18.56 15.49 9.10
N GLU A 150 -18.67 14.32 8.47
CA GLU A 150 -19.73 14.08 7.49
C GLU A 150 -19.92 12.57 7.37
N PRO A 151 -21.07 12.15 6.87
CA PRO A 151 -21.38 10.74 6.72
C PRO A 151 -20.40 10.06 5.76
N VAL A 152 -19.87 8.94 6.27
CA VAL A 152 -18.93 8.11 5.52
C VAL A 152 -19.37 6.65 5.70
N PRO A 153 -20.20 6.16 4.78
CA PRO A 153 -20.77 4.82 4.88
C PRO A 153 -19.74 3.72 4.84
N TYR A 154 -18.62 3.92 4.15
CA TYR A 154 -17.53 2.94 4.13
C TYR A 154 -16.46 3.13 5.18
N PHE A 155 -16.68 3.95 6.21
CA PHE A 155 -15.66 4.27 7.19
C PHE A 155 -14.98 3.06 7.80
N TYR A 156 -15.81 2.07 8.23
CA TYR A 156 -15.27 0.89 8.89
C TYR A 156 -14.30 0.16 7.99
N LYS A 157 -14.42 0.25 6.67
CA LYS A 157 -13.46 -0.45 5.78
C LYS A 157 -12.05 0.07 5.98
N LEU A 158 -11.90 1.35 6.36
CA LEU A 158 -10.58 1.91 6.53
C LEU A 158 -9.80 1.27 7.68
N LEU A 159 -10.49 0.78 8.70
CA LEU A 159 -9.91 0.43 9.98
C LEU A 159 -9.00 -0.77 10.07
N VAL A 160 -8.78 -1.51 8.97
CA VAL A 160 -7.81 -2.60 8.96
C VAL A 160 -6.39 -2.11 8.73
N HIS A 161 -6.14 -0.87 8.37
CA HIS A 161 -4.84 -0.32 8.00
C HIS A 161 -3.92 -0.10 9.17
N PRO A 162 -2.62 -0.32 9.04
CA PRO A 162 -1.68 -0.21 10.14
C PRO A 162 -1.70 1.16 10.82
N SER A 163 -1.92 2.23 10.08
CA SER A 163 -1.89 3.57 10.64
C SER A 163 -2.88 3.76 11.78
N VAL A 164 -3.98 3.02 11.80
CA VAL A 164 -5.00 3.12 12.85
C VAL A 164 -4.91 1.96 13.83
N SER A 165 -3.79 1.25 13.86
CA SER A 165 -3.50 0.26 14.90
C SER A 165 -3.04 0.99 16.19
N PRO A 166 -3.26 0.39 17.34
CA PRO A 166 -2.84 0.97 18.60
C PRO A 166 -1.34 0.83 18.78
N VAL A 167 -0.74 1.81 19.48
CA VAL A 167 0.67 1.72 19.85
C VAL A 167 0.68 1.89 21.38
N PRO A 168 1.63 1.26 22.05
CA PRO A 168 1.69 1.31 23.52
C PRO A 168 2.36 2.59 24.02
N LYS A 169 1.57 3.49 24.58
CA LYS A 169 2.01 4.78 25.04
C LYS A 169 3.20 4.71 25.98
N SER A 170 3.15 3.80 26.95
CA SER A 170 4.29 3.74 27.89
C SER A 170 5.60 3.38 27.22
N ALA A 171 5.64 2.51 26.23
CA ALA A 171 6.88 2.17 25.57
C ALA A 171 7.35 3.33 24.71
N VAL A 172 6.41 3.97 24.02
CA VAL A 172 6.77 5.08 23.13
C VAL A 172 7.42 6.21 23.94
N GLU A 173 6.75 6.57 25.02
CA GLU A 173 7.24 7.67 25.86
C GLU A 173 8.53 7.36 26.59
N LYS A 174 8.72 6.12 27.04
CA LYS A 174 9.94 5.80 27.75
C LYS A 174 11.13 5.59 26.81
N PHE A 175 10.92 4.96 25.65
CA PHE A 175 12.02 4.63 24.75
C PHE A 175 12.14 5.45 23.49
N GLY A 176 11.21 6.35 23.22
CA GLY A 176 11.29 7.21 22.04
C GLY A 176 11.39 6.37 20.77
N ASP A 177 12.34 6.71 19.89
CA ASP A 177 12.49 5.96 18.65
C ASP A 177 13.06 4.56 18.81
N LYS A 178 13.46 4.10 19.98
CA LYS A 178 13.93 2.72 20.14
C LYS A 178 12.82 1.88 20.75
N TRP A 179 11.58 2.35 20.79
CA TRP A 179 10.50 1.58 21.42
C TRP A 179 10.23 0.29 20.67
N THR A 180 10.59 0.22 19.39
CA THR A 180 10.31 -0.95 18.58
C THR A 180 11.43 -1.98 18.62
N GLN A 181 12.49 -1.74 19.39
CA GLN A 181 13.55 -2.74 19.53
C GLN A 181 12.95 -3.93 20.27
N PRO A 182 13.45 -5.11 20.03
CA PRO A 182 12.92 -6.32 20.65
C PRO A 182 12.84 -6.25 22.16
N ALA A 183 13.82 -5.63 22.83
CA ALA A 183 13.80 -5.60 24.31
C ALA A 183 12.75 -4.63 24.84
N ASN A 184 12.27 -3.69 24.02
CA ASN A 184 11.34 -2.69 24.49
C ASN A 184 9.92 -2.75 23.94
N ILE A 185 9.79 -3.30 22.74
CA ILE A 185 8.48 -3.29 22.08
C ILE A 185 7.44 -4.11 22.80
N VAL A 186 6.19 -3.67 22.67
CA VAL A 186 5.00 -4.31 23.20
C VAL A 186 3.97 -4.39 22.06
N THR A 187 3.41 -5.56 21.79
CA THR A 187 2.51 -5.72 20.65
C THR A 187 1.19 -6.37 21.02
N ASN A 188 0.16 -6.18 20.18
CA ASN A 188 -1.14 -6.74 20.49
C ASN A 188 -1.70 -7.65 19.40
N GLY A 189 -0.88 -7.91 18.36
CA GLY A 189 -1.33 -8.88 17.35
C GLY A 189 -1.03 -10.31 17.75
N ALA A 190 -1.19 -11.24 16.78
CA ALA A 190 -0.95 -12.66 17.06
C ALA A 190 0.50 -12.97 17.39
N TYR A 191 1.45 -12.11 16.99
CA TYR A 191 2.87 -12.31 17.17
C TYR A 191 3.56 -11.20 17.96
N LYS A 192 4.78 -11.51 18.39
CA LYS A 192 5.62 -10.59 19.13
C LYS A 192 6.96 -10.55 18.41
N LEU A 193 7.73 -9.47 18.56
CA LEU A 193 9.03 -9.39 17.92
C LEU A 193 10.09 -10.16 18.71
N LYS A 194 10.75 -11.11 18.07
CA LYS A 194 11.83 -11.88 18.67
C LYS A 194 13.18 -11.30 18.31
N ASN A 195 13.45 -11.13 17.01
CA ASN A 195 14.72 -10.63 16.51
C ASN A 195 14.52 -9.65 15.34
N TRP A 196 15.41 -8.68 15.27
CA TRP A 196 15.38 -7.74 14.16
C TRP A 196 16.83 -7.38 13.82
N VAL A 197 17.33 -7.98 12.76
CA VAL A 197 18.68 -7.74 12.27
C VAL A 197 18.53 -7.02 10.91
N VAL A 198 18.84 -5.73 10.89
CA VAL A 198 18.69 -4.93 9.67
C VAL A 198 19.42 -5.53 8.49
N ASN A 199 18.71 -5.66 7.38
CA ASN A 199 19.16 -6.24 6.13
C ASN A 199 19.45 -7.73 6.23
N GLU A 200 18.92 -8.40 7.27
CA GLU A 200 19.13 -9.84 7.38
C GLU A 200 17.78 -10.52 7.59
N ARG A 201 17.15 -10.20 8.73
CA ARG A 201 15.87 -10.83 8.98
C ARG A 201 15.08 -10.20 10.11
N ILE A 202 13.76 -10.40 10.07
CA ILE A 202 12.87 -10.04 11.15
C ILE A 202 12.23 -11.36 11.61
N VAL A 203 12.37 -11.71 12.90
CA VAL A 203 11.79 -12.98 13.32
C VAL A 203 10.69 -12.72 14.36
N LEU A 204 9.49 -13.22 14.07
CA LEU A 204 8.37 -12.99 14.99
C LEU A 204 8.00 -14.32 15.67
N GLU A 205 7.54 -14.23 16.92
CA GLU A 205 7.12 -15.45 17.60
C GLU A 205 5.71 -15.25 18.16
N ARG A 206 5.01 -16.38 18.23
CA ARG A 206 3.63 -16.33 18.74
C ARG A 206 3.52 -15.50 20.01
N ASN A 207 2.46 -14.72 20.08
CA ASN A 207 2.17 -13.88 21.26
C ASN A 207 1.08 -14.60 22.04
N PRO A 208 1.42 -15.23 23.16
CA PRO A 208 0.47 -16.00 23.95
C PRO A 208 -0.63 -15.16 24.57
N GLN A 209 -0.42 -13.84 24.65
CA GLN A 209 -1.44 -12.97 25.23
C GLN A 209 -2.51 -12.60 24.22
N TYR A 210 -2.27 -12.87 22.93
CA TYR A 210 -3.23 -12.51 21.90
C TYR A 210 -4.57 -13.13 22.24
N TRP A 211 -5.65 -12.38 22.18
CA TRP A 211 -6.96 -12.90 22.52
C TRP A 211 -7.35 -14.14 21.72
N ASP A 212 -6.95 -14.20 20.46
CA ASP A 212 -7.31 -15.36 19.63
C ASP A 212 -6.17 -16.36 19.52
N ASN A 213 -5.22 -16.33 20.43
CA ASN A 213 -4.05 -17.20 20.42
C ASN A 213 -4.31 -18.68 20.24
N ALA A 214 -5.39 -19.22 20.83
CA ALA A 214 -5.67 -20.64 20.66
C ALA A 214 -5.82 -21.02 19.20
N LYS A 215 -6.26 -20.10 18.31
CA LYS A 215 -6.41 -20.45 16.91
C LYS A 215 -5.13 -20.20 16.09
N THR A 216 -4.13 -19.59 16.68
CA THR A 216 -2.86 -19.39 15.95
C THR A 216 -2.14 -20.73 15.80
N VAL A 217 -1.61 -21.01 14.63
CA VAL A 217 -0.93 -22.27 14.38
C VAL A 217 0.56 -22.09 14.19
N ILE A 218 0.96 -21.13 13.34
CA ILE A 218 2.39 -20.90 13.12
C ILE A 218 3.04 -20.31 14.38
N ASN A 219 4.11 -20.93 14.84
CA ASN A 219 4.78 -20.50 16.04
C ASN A 219 5.84 -19.45 15.80
N GLN A 220 6.43 -19.44 14.59
CA GLN A 220 7.48 -18.48 14.31
C GLN A 220 7.45 -18.16 12.81
N VAL A 221 7.50 -16.87 12.52
CA VAL A 221 7.58 -16.49 11.09
C VAL A 221 8.76 -15.58 10.94
N THR A 222 9.53 -15.75 9.86
CA THR A 222 10.67 -14.90 9.58
C THR A 222 10.37 -14.11 8.29
N TYR A 223 10.64 -12.81 8.35
CA TYR A 223 10.45 -11.97 7.15
C TYR A 223 11.85 -11.57 6.69
N LEU A 224 12.15 -11.84 5.41
CA LEU A 224 13.45 -11.49 4.86
C LEU A 224 13.32 -10.22 4.02
N PRO A 225 14.42 -9.52 3.82
CA PRO A 225 14.44 -8.27 3.10
C PRO A 225 15.07 -8.35 1.72
N ILE A 226 14.81 -9.39 0.96
CA ILE A 226 15.49 -9.60 -0.33
C ILE A 226 14.81 -8.82 -1.46
N SER A 227 15.51 -7.85 -2.05
CA SER A 227 14.89 -7.03 -3.09
C SER A 227 15.11 -7.59 -4.50
N SER A 228 16.05 -8.53 -4.65
CA SER A 228 16.22 -9.22 -5.92
C SER A 228 15.18 -10.35 -5.98
N GLU A 229 14.25 -10.24 -6.92
CA GLU A 229 13.18 -11.20 -7.16
C GLU A 229 13.81 -12.52 -7.67
N VAL A 230 14.95 -12.43 -8.34
CA VAL A 230 15.68 -13.63 -8.76
C VAL A 230 16.17 -14.42 -7.55
N THR A 231 16.82 -13.74 -6.62
CA THR A 231 17.32 -14.36 -5.39
C THR A 231 16.19 -14.90 -4.54
N ASP A 232 15.06 -14.16 -4.51
CA ASP A 232 13.91 -14.66 -3.74
C ASP A 232 13.46 -16.00 -4.31
N VAL A 233 13.25 -16.08 -5.62
CA VAL A 233 12.88 -17.35 -6.26
C VAL A 233 13.96 -18.39 -6.00
N ASN A 234 15.24 -18.05 -6.12
CA ASN A 234 16.29 -19.03 -5.86
C ASN A 234 16.19 -19.58 -4.45
N ARG A 235 15.99 -18.73 -3.43
CA ARG A 235 15.97 -19.23 -2.05
C ARG A 235 14.65 -19.88 -1.71
N TYR A 236 13.61 -19.63 -2.50
CA TYR A 236 12.37 -20.39 -2.39
C TYR A 236 12.66 -21.78 -2.94
N ARG A 237 13.22 -21.89 -4.15
CA ARG A 237 13.45 -23.22 -4.75
C ARG A 237 14.53 -24.03 -4.05
N SER A 238 15.43 -23.41 -3.34
CA SER A 238 16.43 -24.14 -2.54
C SER A 238 15.81 -24.74 -1.28
N GLY A 239 14.60 -24.24 -0.89
CA GLY A 239 13.96 -24.74 0.30
C GLY A 239 13.96 -23.70 1.43
N GLU A 240 14.72 -22.63 1.33
CA GLU A 240 14.79 -21.69 2.48
C GLU A 240 13.47 -20.93 2.70
N ILE A 241 12.90 -20.48 1.61
CA ILE A 241 11.71 -19.62 1.64
C ILE A 241 10.45 -20.38 1.31
N ASP A 242 9.39 -20.17 2.10
CA ASP A 242 8.12 -20.79 1.91
C ASP A 242 7.18 -19.96 1.06
N MET A 243 7.29 -18.63 1.11
CA MET A 243 6.44 -17.75 0.34
C MET A 243 7.27 -16.60 -0.19
N THR A 244 7.38 -16.46 -1.52
CA THR A 244 8.20 -15.33 -1.99
C THR A 244 7.41 -14.02 -1.72
N TYR A 245 8.10 -12.92 -1.98
CA TYR A 245 7.41 -11.62 -1.99
C TYR A 245 6.62 -11.62 -3.30
N ASN A 246 5.66 -10.71 -3.50
CA ASN A 246 4.86 -10.73 -4.70
C ASN A 246 5.32 -9.65 -5.67
N ASN A 247 6.53 -9.85 -6.14
CA ASN A 247 7.19 -9.17 -7.24
C ASN A 247 7.93 -10.35 -7.94
N MET A 248 7.66 -10.64 -9.18
CA MET A 248 8.30 -11.79 -9.84
C MET A 248 9.35 -11.36 -10.87
N PRO A 249 10.44 -12.08 -10.96
CA PRO A 249 11.53 -11.76 -11.88
C PRO A 249 11.23 -12.03 -13.34
N ILE A 250 11.63 -11.10 -14.21
CA ILE A 250 11.43 -11.31 -15.65
C ILE A 250 12.30 -12.45 -16.12
N GLU A 251 13.49 -12.60 -15.55
CA GLU A 251 14.40 -13.66 -15.96
C GLU A 251 13.79 -15.07 -15.87
N LEU A 252 13.06 -15.36 -14.80
CA LEU A 252 12.62 -16.72 -14.55
C LEU A 252 11.15 -17.08 -14.64
N PHE A 253 10.26 -16.09 -14.60
CA PHE A 253 8.84 -16.32 -14.51
C PHE A 253 8.23 -17.28 -15.53
N GLN A 254 8.55 -17.08 -16.82
CA GLN A 254 7.93 -17.98 -17.81
C GLN A 254 8.32 -19.42 -17.48
N LYS A 255 9.59 -19.68 -17.16
CA LYS A 255 10.05 -21.00 -16.78
C LYS A 255 9.28 -21.53 -15.57
N LEU A 256 9.09 -20.70 -14.53
CA LEU A 256 8.37 -21.13 -13.34
C LEU A 256 6.95 -21.59 -13.58
N LYS A 257 6.22 -20.90 -14.46
CA LYS A 257 4.86 -21.35 -14.75
C LYS A 257 4.87 -22.73 -15.40
N LYS A 258 5.93 -23.04 -16.14
CA LYS A 258 6.01 -24.36 -16.76
C LYS A 258 6.61 -25.37 -15.78
N GLU A 259 7.53 -24.94 -14.93
CA GLU A 259 8.16 -25.90 -14.01
C GLU A 259 7.32 -26.21 -12.79
N ILE A 260 6.69 -25.23 -12.14
CA ILE A 260 5.94 -25.49 -10.92
C ILE A 260 4.61 -24.74 -10.92
N PRO A 261 3.72 -25.06 -11.85
CA PRO A 261 2.46 -24.40 -12.07
C PRO A 261 1.60 -24.19 -10.84
N ASN A 262 1.44 -25.22 -10.04
CA ASN A 262 0.65 -25.21 -8.83
C ASN A 262 1.18 -24.32 -7.71
N GLU A 263 2.43 -23.90 -7.79
CA GLU A 263 3.01 -23.04 -6.77
C GLU A 263 2.97 -21.59 -7.20
N VAL A 264 2.71 -21.35 -8.49
CA VAL A 264 2.67 -19.99 -9.02
C VAL A 264 1.25 -19.47 -8.80
N ARG A 265 1.12 -18.62 -7.78
CA ARG A 265 -0.21 -18.11 -7.44
C ARG A 265 -0.39 -16.79 -8.18
N VAL A 266 -1.49 -16.65 -8.92
CA VAL A 266 -1.74 -15.43 -9.68
C VAL A 266 -3.18 -15.04 -9.42
N ASP A 267 -3.42 -13.94 -8.72
CA ASP A 267 -4.76 -13.51 -8.33
C ASP A 267 -4.95 -12.02 -8.52
N PRO A 268 -6.19 -11.55 -8.55
CA PRO A 268 -6.45 -10.13 -8.73
C PRO A 268 -5.80 -9.34 -7.59
N TYR A 269 -5.44 -8.12 -7.87
CA TYR A 269 -4.73 -7.27 -6.90
C TYR A 269 -5.06 -5.83 -7.18
N LEU A 270 -5.50 -5.08 -6.16
CA LEU A 270 -5.88 -3.68 -6.41
C LEU A 270 -4.70 -2.75 -6.26
N CYS A 271 -3.78 -2.85 -7.24
CA CYS A 271 -2.60 -2.00 -7.22
C CYS A 271 -2.33 -1.47 -8.64
N THR A 272 -1.72 -0.32 -8.73
CA THR A 272 -1.42 0.25 -10.03
C THR A 272 0.06 0.55 -10.10
N TYR A 273 0.72 0.09 -11.17
CA TYR A 273 2.14 0.41 -11.41
C TYR A 273 2.15 1.64 -12.34
N TYR A 274 2.91 2.66 -11.94
CA TYR A 274 2.93 3.89 -12.73
C TYR A 274 4.26 4.59 -12.55
N TYR A 275 4.54 5.54 -13.46
CA TYR A 275 5.72 6.37 -13.23
C TYR A 275 5.17 7.65 -12.62
N GLU A 276 5.61 7.94 -11.40
CA GLU A 276 5.23 9.13 -10.66
C GLU A 276 6.07 10.32 -11.10
N ILE A 277 5.39 11.34 -11.65
CA ILE A 277 6.12 12.54 -12.10
C ILE A 277 6.10 13.55 -10.97
N ASN A 278 7.21 14.24 -10.73
CA ASN A 278 7.22 15.26 -9.65
C ASN A 278 6.60 16.52 -10.26
N ASN A 279 5.31 16.76 -9.99
CA ASN A 279 4.58 17.82 -10.68
C ASN A 279 5.03 19.22 -10.32
N GLN A 280 5.80 19.40 -9.26
CA GLN A 280 6.23 20.74 -8.87
C GLN A 280 7.61 21.10 -9.43
N LYS A 281 8.25 20.23 -10.18
CA LYS A 281 9.59 20.53 -10.64
C LYS A 281 9.65 20.71 -12.16
N ALA A 282 10.18 21.87 -12.55
CA ALA A 282 10.33 22.13 -13.98
C ALA A 282 11.36 21.16 -14.51
N PRO A 283 11.18 20.65 -15.71
CA PRO A 283 10.07 21.00 -16.59
C PRO A 283 8.82 20.15 -16.46
N PHE A 284 8.72 19.37 -15.37
CA PHE A 284 7.57 18.49 -15.18
C PHE A 284 6.33 19.22 -14.70
N ASN A 285 6.40 20.52 -14.50
CA ASN A 285 5.25 21.35 -14.17
C ASN A 285 4.55 21.85 -15.44
N ASP A 286 4.99 21.37 -16.59
CA ASP A 286 4.41 21.65 -17.88
C ASP A 286 3.56 20.46 -18.30
N VAL A 287 2.24 20.61 -18.44
CA VAL A 287 1.41 19.45 -18.85
C VAL A 287 1.79 18.81 -20.16
N ARG A 288 2.37 19.59 -21.09
CA ARG A 288 2.77 19.06 -22.38
C ARG A 288 3.87 18.02 -22.20
N VAL A 289 4.78 18.30 -21.30
CA VAL A 289 5.87 17.35 -21.03
C VAL A 289 5.29 16.09 -20.40
N ARG A 290 4.46 16.28 -19.36
CA ARG A 290 3.90 15.07 -18.71
C ARG A 290 3.06 14.26 -19.67
N THR A 291 2.24 14.91 -20.52
CA THR A 291 1.40 14.18 -21.45
C THR A 291 2.24 13.43 -22.46
N ALA A 292 3.35 14.03 -22.92
CA ALA A 292 4.20 13.36 -23.91
C ALA A 292 4.78 12.08 -23.35
N LEU A 293 5.26 12.18 -22.08
CA LEU A 293 5.79 10.98 -21.44
C LEU A 293 4.71 9.92 -21.31
N LYS A 294 3.51 10.32 -20.89
CA LYS A 294 2.42 9.37 -20.72
C LYS A 294 2.03 8.67 -22.01
N LEU A 295 1.90 9.44 -23.11
CA LEU A 295 1.50 8.85 -24.39
C LEU A 295 2.57 8.03 -25.08
N ALA A 296 3.84 8.43 -25.00
CA ALA A 296 4.94 7.76 -25.68
C ALA A 296 5.33 6.43 -25.07
N LEU A 297 4.97 6.21 -23.79
CA LEU A 297 5.23 4.90 -23.21
C LEU A 297 4.34 3.88 -23.93
N ASP A 298 4.86 2.77 -24.40
CA ASP A 298 4.11 1.74 -25.08
C ASP A 298 3.76 0.62 -24.10
N ARG A 299 2.52 0.71 -23.57
CA ARG A 299 2.12 -0.29 -22.56
C ARG A 299 2.02 -1.69 -23.13
N ASP A 300 1.66 -1.81 -24.42
CA ASP A 300 1.59 -3.17 -24.96
C ASP A 300 2.97 -3.83 -24.92
N ILE A 301 4.02 -3.11 -25.29
CA ILE A 301 5.36 -3.69 -25.24
C ILE A 301 5.75 -4.04 -23.80
N ILE A 302 5.61 -3.06 -22.91
CA ILE A 302 6.00 -3.29 -21.52
C ILE A 302 5.22 -4.42 -20.88
N VAL A 303 3.89 -4.30 -20.91
CA VAL A 303 3.05 -5.28 -20.23
C VAL A 303 2.99 -6.64 -20.88
N ASN A 304 2.84 -6.68 -22.21
CA ASN A 304 2.69 -7.97 -22.89
C ASN A 304 3.96 -8.53 -23.47
N LYS A 305 4.92 -7.68 -23.80
CA LYS A 305 6.16 -8.18 -24.40
C LYS A 305 7.30 -8.27 -23.40
N VAL A 306 7.66 -7.20 -22.70
CA VAL A 306 8.78 -7.32 -21.78
C VAL A 306 8.44 -7.96 -20.44
N LYS A 307 7.22 -7.82 -19.94
CA LYS A 307 6.90 -8.41 -18.64
C LYS A 307 6.11 -9.70 -18.77
N ASN A 308 4.98 -9.65 -19.46
CA ASN A 308 4.11 -10.76 -19.70
C ASN A 308 3.85 -11.68 -18.52
N GLN A 309 3.31 -11.12 -17.43
CA GLN A 309 3.04 -11.87 -16.22
C GLN A 309 1.55 -11.82 -15.86
N GLY A 310 0.71 -11.36 -16.79
CA GLY A 310 -0.71 -11.26 -16.56
C GLY A 310 -1.23 -9.86 -16.21
N ASP A 311 -0.38 -8.85 -16.15
CA ASP A 311 -0.82 -7.50 -15.84
C ASP A 311 -1.65 -6.91 -16.99
N LEU A 312 -2.42 -5.86 -16.69
CA LEU A 312 -3.28 -5.26 -17.69
C LEU A 312 -2.83 -3.83 -17.91
N PRO A 313 -2.66 -3.40 -19.16
CA PRO A 313 -2.28 -2.05 -19.49
C PRO A 313 -3.22 -1.06 -18.81
N ALA A 314 -2.63 -0.04 -18.24
CA ALA A 314 -3.38 0.93 -17.44
C ALA A 314 -3.53 2.29 -18.07
N TYR A 315 -4.69 2.91 -17.82
CA TYR A 315 -5.01 4.23 -18.34
C TYR A 315 -5.54 5.14 -17.24
N SER A 316 -5.49 4.67 -15.98
CA SER A 316 -5.97 5.43 -14.84
C SER A 316 -5.12 5.07 -13.59
N TYR A 317 -5.38 5.79 -12.52
CA TYR A 317 -4.69 5.56 -11.26
C TYR A 317 -5.47 4.51 -10.48
N THR A 318 -6.73 4.80 -10.17
CA THR A 318 -7.60 3.80 -9.54
C THR A 318 -7.78 2.62 -10.49
N PRO A 319 -7.57 1.39 -10.03
CA PRO A 319 -7.77 0.20 -10.83
C PRO A 319 -9.26 0.13 -11.14
N PRO A 320 -9.64 -0.18 -12.37
CA PRO A 320 -11.04 -0.19 -12.79
C PRO A 320 -11.91 -1.21 -12.12
N TYR A 321 -11.31 -2.18 -11.46
CA TYR A 321 -12.07 -3.23 -10.77
C TYR A 321 -12.15 -3.00 -9.26
N THR A 322 -11.77 -1.76 -8.88
CA THR A 322 -11.98 -1.39 -7.45
C THR A 322 -13.49 -1.34 -7.24
N ASP A 323 -13.95 -1.75 -6.08
CA ASP A 323 -15.39 -1.67 -5.75
C ASP A 323 -15.84 -0.22 -5.83
N GLY A 324 -16.75 0.12 -6.75
CA GLY A 324 -17.23 1.50 -6.85
C GLY A 324 -16.59 2.26 -8.02
N ALA A 325 -15.65 1.60 -8.73
CA ALA A 325 -15.07 2.27 -9.88
C ALA A 325 -15.90 1.99 -11.14
N LYS A 326 -16.21 3.04 -11.89
CA LYS A 326 -16.93 2.95 -13.15
C LYS A 326 -16.25 3.96 -14.08
N LEU A 327 -15.01 3.61 -14.44
CA LEU A 327 -14.15 4.55 -15.12
C LEU A 327 -14.35 4.66 -16.63
N VAL A 328 -14.10 5.87 -17.11
CA VAL A 328 -14.21 6.11 -18.54
C VAL A 328 -12.83 5.96 -19.16
N GLU A 329 -12.69 4.98 -20.05
CA GLU A 329 -11.41 4.76 -20.72
C GLU A 329 -11.21 5.88 -21.71
N PRO A 330 -10.13 6.63 -21.58
CA PRO A 330 -9.85 7.78 -22.41
C PRO A 330 -9.54 7.42 -23.86
N GLU A 331 -9.86 8.32 -24.79
CA GLU A 331 -9.63 8.06 -26.21
C GLU A 331 -8.19 7.76 -26.57
N TRP A 332 -7.21 8.40 -25.97
CA TRP A 332 -5.81 8.07 -26.24
C TRP A 332 -5.43 6.62 -26.00
N PHE A 333 -6.11 5.91 -25.09
CA PHE A 333 -5.81 4.52 -24.82
C PHE A 333 -6.22 3.61 -25.97
N LYS A 334 -7.24 4.00 -26.73
CA LYS A 334 -7.73 3.23 -27.88
C LYS A 334 -6.94 3.48 -29.17
N TRP A 335 -6.23 4.59 -29.23
CA TRP A 335 -5.43 4.91 -30.39
C TRP A 335 -4.32 3.88 -30.62
N SER A 336 -3.60 4.12 -31.73
CA SER A 336 -2.46 3.23 -32.03
C SER A 336 -1.25 3.84 -31.32
N GLN A 337 -0.18 3.08 -31.08
CA GLN A 337 0.99 3.69 -30.43
C GLN A 337 1.64 4.75 -31.30
N GLN A 338 1.64 4.55 -32.63
CA GLN A 338 2.20 5.55 -33.55
C GLN A 338 1.49 6.88 -33.42
N LYS A 339 0.16 6.83 -33.33
CA LYS A 339 -0.64 8.05 -33.14
C LYS A 339 -0.33 8.70 -31.80
N ARG A 340 -0.19 7.88 -30.73
CA ARG A 340 0.26 8.44 -29.46
C ARG A 340 1.68 9.01 -29.59
N ASN A 341 2.59 8.36 -30.34
CA ASN A 341 3.94 8.89 -30.48
C ASN A 341 3.97 10.26 -31.14
N GLU A 342 3.26 10.42 -32.26
CA GLU A 342 3.26 11.72 -32.97
C GLU A 342 2.73 12.82 -32.07
N GLU A 343 1.63 12.56 -31.37
CA GLU A 343 1.08 13.56 -30.43
C GLU A 343 2.09 13.94 -29.36
N ALA A 344 2.79 12.96 -28.81
CA ALA A 344 3.85 13.15 -27.82
C ALA A 344 4.98 13.99 -28.38
N LYS A 345 5.49 13.60 -29.56
CA LYS A 345 6.56 14.36 -30.19
C LYS A 345 6.09 15.79 -30.43
N LYS A 346 4.87 15.92 -30.95
CA LYS A 346 4.27 17.24 -31.15
C LYS A 346 4.31 18.07 -29.89
N LEU A 347 3.83 17.56 -28.75
CA LEU A 347 3.80 18.28 -27.48
C LEU A 347 5.18 18.66 -26.95
N LEU A 348 6.16 17.75 -27.10
CA LEU A 348 7.50 18.09 -26.62
C LEU A 348 8.09 19.12 -27.57
N ALA A 349 7.82 18.94 -28.87
CA ALA A 349 8.31 19.93 -29.84
C ALA A 349 7.73 21.29 -29.45
N GLU A 350 6.42 21.31 -29.15
CA GLU A 350 5.77 22.51 -28.67
C GLU A 350 6.34 23.01 -27.34
N ALA A 351 6.79 22.11 -26.46
CA ALA A 351 7.35 22.51 -25.16
C ALA A 351 8.73 23.15 -25.22
N GLY A 352 9.39 23.15 -26.37
CA GLY A 352 10.68 23.80 -26.52
C GLY A 352 11.83 22.83 -26.75
N PHE A 353 11.54 21.53 -26.79
CA PHE A 353 12.60 20.55 -26.98
C PHE A 353 12.89 20.17 -28.42
N THR A 354 14.18 20.06 -28.73
CA THR A 354 14.69 19.74 -30.05
C THR A 354 15.76 18.67 -30.01
N ALA A 355 16.26 18.24 -31.16
CA ALA A 355 17.33 17.25 -31.19
C ALA A 355 18.58 17.76 -30.47
N ASP A 356 18.91 19.04 -30.62
CA ASP A 356 20.10 19.60 -30.00
C ASP A 356 19.90 20.01 -28.56
N LYS A 357 18.65 20.23 -28.12
CA LYS A 357 18.36 20.56 -26.72
C LYS A 357 17.26 19.60 -26.23
N PRO A 358 17.60 18.33 -26.09
CA PRO A 358 16.63 17.31 -25.75
C PRO A 358 16.21 17.34 -24.29
N LEU A 359 15.20 16.52 -24.01
CA LEU A 359 14.70 16.41 -22.63
C LEU A 359 15.49 15.22 -22.02
N THR A 360 16.16 15.57 -20.93
CA THR A 360 16.95 14.59 -20.19
C THR A 360 16.60 14.68 -18.70
N PHE A 361 16.29 13.50 -18.13
CA PHE A 361 15.92 13.52 -16.72
C PHE A 361 16.18 12.18 -16.03
N ASP A 362 15.96 12.17 -14.71
CA ASP A 362 16.24 10.93 -13.99
C ASP A 362 15.02 10.03 -13.81
N LEU A 363 15.25 8.74 -13.76
CA LEU A 363 14.20 7.76 -13.51
C LEU A 363 14.67 6.96 -12.27
N LEU A 364 14.05 7.31 -11.16
CA LEU A 364 14.40 6.76 -9.85
C LEU A 364 13.60 5.50 -9.56
N TYR A 365 14.24 4.46 -9.06
CA TYR A 365 13.47 3.25 -8.78
C TYR A 365 14.07 2.58 -7.56
N ASN A 366 13.28 1.81 -6.82
CA ASN A 366 13.85 1.09 -5.69
C ASN A 366 14.53 -0.17 -6.20
N THR A 367 15.75 -0.42 -5.65
CA THR A 367 16.53 -1.58 -6.00
C THR A 367 15.71 -2.82 -6.22
N SER A 368 15.78 -3.38 -7.43
CA SER A 368 14.95 -4.50 -7.81
C SER A 368 15.28 -5.02 -9.20
N ASP A 369 15.23 -6.33 -9.37
CA ASP A 369 15.50 -6.87 -10.71
C ASP A 369 14.38 -6.46 -11.65
N LEU A 370 13.15 -6.64 -11.17
CA LEU A 370 11.97 -6.31 -11.92
C LEU A 370 11.94 -4.81 -12.28
N HIS A 371 12.07 -3.90 -11.28
CA HIS A 371 11.97 -2.50 -11.68
C HIS A 371 13.11 -2.03 -12.57
N LYS A 372 14.32 -2.56 -12.35
CA LYS A 372 15.45 -2.17 -13.20
C LYS A 372 15.19 -2.59 -14.66
N LYS A 373 14.77 -3.85 -14.86
CA LYS A 373 14.46 -4.31 -16.22
C LYS A 373 13.34 -3.53 -16.89
N LEU A 374 12.27 -3.20 -16.15
CA LEU A 374 11.23 -2.34 -16.70
C LEU A 374 11.74 -0.93 -16.92
N ALA A 375 12.56 -0.35 -16.04
CA ALA A 375 13.03 1.00 -16.30
C ALA A 375 13.95 1.05 -17.54
N ILE A 376 14.77 0.02 -17.73
CA ILE A 376 15.66 0.00 -18.92
C ILE A 376 14.77 -0.04 -20.18
N ALA A 377 13.73 -0.85 -20.16
CA ALA A 377 12.80 -0.98 -21.29
C ALA A 377 12.07 0.33 -21.59
N VAL A 378 11.58 0.96 -20.54
CA VAL A 378 10.90 2.25 -20.60
C VAL A 378 11.87 3.31 -21.10
N ALA A 379 13.11 3.31 -20.62
CA ALA A 379 14.11 4.27 -21.13
C ALA A 379 14.32 4.08 -22.65
N SER A 380 14.41 2.84 -23.11
CA SER A 380 14.62 2.58 -24.54
C SER A 380 13.42 3.02 -25.36
N ILE A 381 12.23 2.70 -24.84
CA ILE A 381 10.99 3.07 -25.50
C ILE A 381 10.89 4.58 -25.60
N TRP A 382 11.12 5.32 -24.52
CA TRP A 382 11.04 6.76 -24.53
C TRP A 382 12.11 7.37 -25.44
N LYS A 383 13.29 6.76 -25.45
CA LYS A 383 14.36 7.20 -26.34
C LYS A 383 13.90 7.04 -27.79
N LYS A 384 13.41 5.88 -28.15
CA LYS A 384 13.02 5.58 -29.52
C LYS A 384 11.76 6.31 -29.97
N ASN A 385 10.75 6.36 -29.09
CA ASN A 385 9.48 6.94 -29.47
C ASN A 385 9.44 8.45 -29.33
N LEU A 386 10.19 8.98 -28.37
CA LEU A 386 10.10 10.42 -28.09
C LEU A 386 11.41 11.16 -28.13
N GLY A 387 12.53 10.45 -28.29
CA GLY A 387 13.84 11.10 -28.29
C GLY A 387 14.24 11.72 -26.95
N VAL A 388 13.78 11.13 -25.83
CA VAL A 388 14.16 11.69 -24.53
C VAL A 388 15.23 10.80 -23.89
N ASN A 389 16.11 11.39 -23.10
CA ASN A 389 17.17 10.64 -22.46
C ASN A 389 16.87 10.48 -20.97
N VAL A 390 16.99 9.27 -20.45
CA VAL A 390 16.75 9.16 -19.00
C VAL A 390 17.98 8.49 -18.36
N ASN A 391 18.28 8.96 -17.16
CA ASN A 391 19.36 8.43 -16.35
C ASN A 391 18.69 7.63 -15.22
N LEU A 392 18.97 6.35 -15.25
CA LEU A 392 18.40 5.45 -14.25
C LEU A 392 19.13 5.58 -12.94
N GLU A 393 18.35 5.61 -11.85
CA GLU A 393 18.99 5.64 -10.53
C GLU A 393 18.24 4.69 -9.57
N ASN A 394 18.97 3.78 -8.92
CA ASN A 394 18.33 2.91 -7.93
C ASN A 394 18.64 3.43 -6.54
N GLN A 395 17.70 3.26 -5.61
CA GLN A 395 17.89 3.60 -4.21
C GLN A 395 17.22 2.50 -3.39
N GLU A 396 17.78 2.20 -2.20
CA GLU A 396 17.11 1.21 -1.36
C GLU A 396 15.73 1.73 -0.94
N TRP A 397 14.79 0.80 -0.67
CA TRP A 397 13.41 1.16 -0.34
C TRP A 397 13.16 2.30 0.62
N LYS A 398 13.69 2.25 1.85
CA LYS A 398 13.42 3.32 2.81
C LYS A 398 13.93 4.67 2.29
N THR A 399 15.10 4.67 1.66
CA THR A 399 15.64 5.95 1.13
C THR A 399 14.81 6.47 -0.04
N PHE A 400 14.44 5.54 -0.91
CA PHE A 400 13.58 5.85 -2.06
C PHE A 400 12.31 6.56 -1.66
N LEU A 401 11.60 6.05 -0.65
CA LEU A 401 10.35 6.69 -0.19
C LEU A 401 10.64 8.08 0.39
N ASP A 402 11.75 8.22 1.15
CA ASP A 402 12.07 9.54 1.69
C ASP A 402 12.32 10.54 0.55
N THR A 403 13.04 10.10 -0.47
CA THR A 403 13.32 10.97 -1.64
C THR A 403 12.04 11.48 -2.27
N ARG A 404 11.08 10.56 -2.47
CA ARG A 404 9.80 11.00 -3.08
C ARG A 404 9.09 11.97 -2.16
N HIS A 405 9.07 11.77 -0.84
CA HIS A 405 8.43 12.77 0.03
C HIS A 405 9.18 14.10 -0.04
N GLN A 406 10.50 14.07 -0.14
CA GLN A 406 11.27 15.30 -0.20
C GLN A 406 11.10 16.05 -1.52
N GLY A 407 10.67 15.36 -2.57
CA GLY A 407 10.52 15.96 -3.88
C GLY A 407 11.92 16.09 -4.50
N THR A 408 12.91 15.25 -4.11
CA THR A 408 14.23 15.44 -4.75
C THR A 408 14.44 14.45 -5.89
N PHE A 409 13.48 14.56 -6.83
CA PHE A 409 13.42 13.70 -7.99
C PHE A 409 12.68 14.32 -9.16
N ASP A 410 12.81 13.64 -10.29
CA ASP A 410 12.17 13.99 -11.55
C ASP A 410 11.00 13.05 -11.79
N VAL A 411 11.29 11.80 -12.13
CA VAL A 411 10.28 10.78 -12.34
C VAL A 411 10.66 9.58 -11.45
N ALA A 412 9.71 8.94 -10.80
CA ALA A 412 9.99 7.79 -9.97
C ALA A 412 9.11 6.61 -10.33
N ARG A 413 9.65 5.40 -10.25
CA ARG A 413 8.92 4.16 -10.38
C ARG A 413 7.93 4.15 -9.21
N ALA A 414 6.65 3.90 -9.44
CA ALA A 414 5.70 3.92 -8.35
C ALA A 414 4.67 2.81 -8.42
N GLY A 415 4.13 2.51 -7.23
CA GLY A 415 3.06 1.52 -7.15
C GLY A 415 2.18 1.93 -5.95
N TRP A 416 0.87 1.94 -6.19
CA TRP A 416 0.01 2.19 -5.01
C TRP A 416 -0.96 1.01 -4.94
N CYS A 417 -1.15 0.43 -3.76
CA CYS A 417 -2.11 -0.63 -3.52
C CYS A 417 -3.21 -0.11 -2.59
N ALA A 418 -4.45 -0.49 -2.83
CA ALA A 418 -5.55 0.00 -2.00
C ALA A 418 -5.36 -0.34 -0.52
N ASP A 419 -5.83 0.55 0.36
CA ASP A 419 -5.82 0.25 1.80
C ASP A 419 -7.21 -0.20 2.25
N TYR A 420 -8.21 0.20 1.46
CA TYR A 420 -9.59 -0.23 1.65
C TYR A 420 -10.19 -0.29 0.24
N ASN A 421 -11.11 -1.22 -0.01
CA ASN A 421 -11.59 -1.35 -1.39
C ASN A 421 -12.68 -0.36 -1.78
N GLU A 422 -12.28 0.85 -2.14
CA GLU A 422 -13.20 1.93 -2.54
C GLU A 422 -12.30 2.92 -3.26
N PRO A 423 -12.75 3.58 -4.34
CA PRO A 423 -11.88 4.44 -5.13
C PRO A 423 -11.17 5.54 -4.38
N THR A 424 -11.73 6.08 -3.30
CA THR A 424 -11.03 7.12 -2.53
C THR A 424 -9.76 6.58 -1.87
N SER A 425 -9.58 5.28 -1.69
CA SER A 425 -8.28 4.78 -1.20
C SER A 425 -7.14 5.15 -2.14
N PHE A 426 -7.44 5.25 -3.44
CA PHE A 426 -6.48 5.78 -4.38
C PHE A 426 -6.60 7.30 -4.48
N LEU A 427 -7.82 7.77 -4.81
CA LEU A 427 -8.02 9.18 -5.15
C LEU A 427 -7.62 10.18 -4.07
N ASN A 428 -7.81 9.83 -2.81
CA ASN A 428 -7.43 10.74 -1.71
C ASN A 428 -5.95 11.03 -1.66
N THR A 429 -5.11 10.13 -2.22
CA THR A 429 -3.67 10.40 -2.20
C THR A 429 -3.26 11.50 -3.19
N MET A 430 -4.13 11.93 -4.08
CA MET A 430 -3.81 13.01 -5.00
C MET A 430 -4.44 14.35 -4.54
N LEU A 431 -5.05 14.36 -3.36
CA LEU A 431 -5.52 15.63 -2.81
C LEU A 431 -4.33 16.53 -2.55
N SER A 432 -4.47 17.84 -2.79
CA SER A 432 -3.39 18.82 -2.63
C SER A 432 -2.63 18.64 -1.33
N ASP A 433 -3.37 18.48 -0.24
CA ASP A 433 -2.75 18.41 1.07
C ASP A 433 -2.56 17.00 1.61
N SER A 434 -2.63 15.96 0.79
CA SER A 434 -2.44 14.62 1.34
C SER A 434 -1.02 14.33 1.74
N SER A 435 -0.83 13.73 2.91
CA SER A 435 0.46 13.27 3.38
C SER A 435 1.01 12.18 2.46
N ASN A 436 0.17 11.49 1.66
CA ASN A 436 0.65 10.47 0.73
C ASN A 436 0.93 11.04 -0.67
N ASN A 437 0.72 12.34 -0.88
CA ASN A 437 0.88 12.88 -2.24
C ASN A 437 2.35 13.14 -2.58
N THR A 438 2.99 12.07 -3.07
CA THR A 438 4.39 12.12 -3.50
C THR A 438 4.47 12.59 -4.94
N ALA A 439 3.33 12.73 -5.63
CA ALA A 439 3.34 13.26 -6.99
C ALA A 439 3.48 14.77 -6.89
N HIS A 440 3.22 15.33 -5.72
CA HIS A 440 3.23 16.76 -5.45
C HIS A 440 2.30 17.45 -6.44
N TYR A 441 1.14 16.83 -6.65
CA TYR A 441 0.09 17.29 -7.51
C TYR A 441 -0.93 18.08 -6.70
N LYS A 442 -1.24 19.29 -7.20
CA LYS A 442 -2.17 20.17 -6.49
C LYS A 442 -3.16 20.76 -7.49
N SER A 443 -4.37 20.21 -7.46
CA SER A 443 -5.43 20.68 -8.35
C SER A 443 -6.68 20.99 -7.56
N PRO A 444 -7.07 22.28 -7.56
CA PRO A 444 -8.28 22.69 -6.86
C PRO A 444 -9.49 22.02 -7.50
N ALA A 445 -9.49 21.80 -8.81
CA ALA A 445 -10.60 21.11 -9.47
C ALA A 445 -10.72 19.65 -9.00
N PHE A 446 -9.56 18.97 -8.95
CA PHE A 446 -9.56 17.59 -8.44
C PHE A 446 -10.01 17.54 -7.00
N ASP A 447 -9.47 18.39 -6.10
CA ASP A 447 -9.87 18.42 -4.72
C ASP A 447 -11.39 18.58 -4.58
N LYS A 448 -11.95 19.52 -5.35
CA LYS A 448 -13.39 19.76 -5.30
C LYS A 448 -14.21 18.54 -5.68
N LEU A 449 -13.84 17.85 -6.75
CA LEU A 449 -14.58 16.64 -7.16
C LEU A 449 -14.61 15.65 -6.02
N ILE A 450 -13.48 15.37 -5.35
CA ILE A 450 -13.49 14.42 -4.24
C ILE A 450 -14.26 14.93 -3.03
N ALA A 451 -14.15 16.22 -2.67
CA ALA A 451 -14.90 16.77 -1.54
C ALA A 451 -16.42 16.56 -1.74
N ASP A 452 -16.86 16.71 -2.98
CA ASP A 452 -18.24 16.50 -3.37
C ASP A 452 -18.76 15.08 -3.24
N THR A 453 -17.93 14.05 -3.21
CA THR A 453 -18.38 12.69 -3.09
C THR A 453 -19.07 12.37 -1.76
N LEU A 454 -18.81 13.09 -0.67
CA LEU A 454 -19.48 12.76 0.59
C LEU A 454 -20.59 13.77 0.87
N LYS A 455 -20.82 14.68 -0.08
CA LYS A 455 -21.85 15.69 0.04
C LYS A 455 -23.13 15.20 -0.64
N VAL A 456 -23.03 14.08 -1.34
CA VAL A 456 -24.14 13.37 -1.95
C VAL A 456 -24.35 12.11 -1.09
N ALA A 457 -25.53 11.52 -1.13
CA ALA A 457 -25.81 10.31 -0.36
C ALA A 457 -26.25 9.24 -1.38
N ASP A 458 -25.53 9.20 -2.48
CA ASP A 458 -25.88 8.29 -3.57
C ASP A 458 -24.63 7.69 -4.18
N ASP A 459 -24.61 6.37 -4.34
CA ASP A 459 -23.50 5.65 -4.92
C ASP A 459 -23.23 6.01 -6.39
N THR A 460 -24.28 6.17 -7.19
CA THR A 460 -24.08 6.51 -8.59
C THR A 460 -23.46 7.89 -8.77
N GLN A 461 -23.93 8.85 -7.97
CA GLN A 461 -23.32 10.19 -8.07
C GLN A 461 -21.86 10.07 -7.61
N ARG A 462 -21.61 9.31 -6.53
CA ARG A 462 -20.25 9.13 -6.08
C ARG A 462 -19.36 8.51 -7.16
N SER A 463 -19.83 7.45 -7.81
CA SER A 463 -19.05 6.81 -8.86
C SER A 463 -18.77 7.72 -10.04
N GLU A 464 -19.76 8.53 -10.42
CA GLU A 464 -19.61 9.49 -11.51
C GLU A 464 -18.54 10.52 -11.16
N LEU A 465 -18.56 10.96 -9.90
CA LEU A 465 -17.56 11.91 -9.42
C LEU A 465 -16.16 11.28 -9.42
N TYR A 466 -16.05 10.01 -9.03
CA TYR A 466 -14.73 9.37 -9.06
C TYR A 466 -14.22 9.30 -10.50
N ALA A 467 -15.11 8.94 -11.43
CA ALA A 467 -14.77 8.87 -12.83
C ALA A 467 -14.28 10.24 -13.32
N LYS A 468 -14.99 11.31 -12.95
CA LYS A 468 -14.55 12.65 -13.37
C LYS A 468 -13.25 13.06 -12.71
N ALA A 469 -13.00 12.62 -11.47
CA ALA A 469 -11.75 12.93 -10.78
C ALA A 469 -10.62 12.22 -11.54
N GLU A 470 -10.87 10.98 -12.00
CA GLU A 470 -9.84 10.30 -12.77
C GLU A 470 -9.60 11.04 -14.10
N GLN A 471 -10.69 11.52 -14.73
CA GLN A 471 -10.50 12.27 -15.98
C GLN A 471 -9.69 13.53 -15.72
N GLN A 472 -9.93 14.23 -14.62
CA GLN A 472 -9.15 15.41 -14.28
C GLN A 472 -7.67 15.07 -14.12
N LEU A 473 -7.40 13.98 -13.40
CA LEU A 473 -5.99 13.54 -13.22
C LEU A 473 -5.36 13.26 -14.58
N ASP A 474 -6.08 12.56 -15.47
CA ASP A 474 -5.64 12.22 -16.80
C ASP A 474 -5.41 13.45 -17.68
N LYS A 475 -6.35 14.40 -17.63
CA LYS A 475 -6.20 15.62 -18.42
C LYS A 475 -4.96 16.37 -17.96
N ASP A 476 -4.64 16.31 -16.67
CA ASP A 476 -3.42 16.96 -16.18
C ASP A 476 -2.18 16.10 -16.32
N SER A 477 -2.30 14.83 -16.70
CA SER A 477 -1.18 13.91 -16.82
C SER A 477 -0.36 14.02 -15.55
N ALA A 478 -1.04 13.83 -14.42
CA ALA A 478 -0.35 13.89 -13.13
C ALA A 478 0.66 12.74 -13.08
N ILE A 479 0.26 11.59 -13.62
CA ILE A 479 1.15 10.42 -13.59
C ILE A 479 1.22 9.76 -14.95
N VAL A 480 2.05 8.72 -15.03
CA VAL A 480 2.11 7.88 -16.21
C VAL A 480 1.64 6.49 -15.81
N PRO A 481 0.39 6.16 -15.99
CA PRO A 481 -0.12 4.82 -15.72
C PRO A 481 0.55 3.79 -16.60
N VAL A 482 0.95 2.66 -16.00
CA VAL A 482 1.63 1.63 -16.79
C VAL A 482 0.77 0.37 -16.83
N TYR A 483 0.53 -0.27 -15.68
CA TYR A 483 -0.31 -1.47 -15.68
C TYR A 483 -1.03 -1.68 -14.35
N TYR A 484 -2.10 -2.44 -14.35
CA TYR A 484 -2.77 -2.83 -13.09
C TYR A 484 -2.12 -4.16 -12.72
N TYR A 485 -1.61 -4.25 -11.50
CA TYR A 485 -0.90 -5.43 -11.10
C TYR A 485 -1.85 -6.66 -10.98
N VAL A 486 -1.22 -7.82 -11.16
CA VAL A 486 -1.80 -9.05 -10.68
C VAL A 486 -0.93 -9.41 -9.47
N ASN A 487 -1.48 -10.18 -8.55
CA ASN A 487 -0.73 -10.62 -7.38
C ASN A 487 -0.06 -11.96 -7.67
N ALA A 488 1.17 -11.94 -8.17
CA ALA A 488 1.87 -13.17 -8.52
C ALA A 488 2.98 -13.47 -7.52
N ARG A 489 2.97 -14.66 -6.96
CA ARG A 489 4.01 -15.02 -6.00
C ARG A 489 4.11 -16.54 -5.99
N LEU A 490 5.19 -17.07 -5.39
CA LEU A 490 5.27 -18.51 -5.24
C LEU A 490 4.96 -18.85 -3.79
N VAL A 491 4.18 -19.91 -3.58
CA VAL A 491 3.79 -20.39 -2.28
C VAL A 491 3.97 -21.92 -2.24
N LYS A 492 4.70 -22.46 -1.27
CA LYS A 492 4.94 -23.93 -1.26
C LYS A 492 3.63 -24.65 -1.07
N PRO A 493 3.54 -25.89 -1.57
CA PRO A 493 2.33 -26.68 -1.49
C PRO A 493 1.89 -26.92 -0.06
N TRP A 494 2.80 -26.93 0.90
CA TRP A 494 2.53 -27.21 2.29
C TRP A 494 2.07 -25.97 3.05
N VAL A 495 2.04 -24.79 2.44
CA VAL A 495 1.52 -23.60 3.17
C VAL A 495 0.01 -23.56 2.97
N GLY A 496 -0.76 -23.80 4.02
CA GLY A 496 -2.21 -23.77 3.95
C GLY A 496 -2.76 -22.42 4.44
N GLY A 497 -3.98 -22.10 4.04
CA GLY A 497 -4.67 -20.92 4.55
C GLY A 497 -4.53 -19.68 3.68
N TYR A 498 -3.77 -19.77 2.60
CA TYR A 498 -3.58 -18.63 1.69
C TYR A 498 -4.47 -18.82 0.47
N THR A 499 -5.63 -18.18 0.48
CA THR A 499 -6.59 -18.31 -0.60
C THR A 499 -6.19 -17.58 -1.87
N GLY A 500 -5.73 -16.34 -1.70
CA GLY A 500 -5.45 -15.47 -2.83
C GLY A 500 -6.75 -14.76 -3.20
N LYS A 501 -7.78 -14.90 -2.36
CA LYS A 501 -9.07 -14.29 -2.63
C LYS A 501 -9.13 -12.81 -2.27
N ASP A 502 -8.24 -12.33 -1.43
CA ASP A 502 -8.24 -10.94 -1.02
C ASP A 502 -7.48 -10.08 -2.01
N PRO A 503 -8.19 -9.19 -2.69
CA PRO A 503 -7.57 -8.30 -3.67
C PRO A 503 -6.66 -7.27 -3.01
N LEU A 504 -6.73 -7.10 -1.69
CA LEU A 504 -5.80 -6.23 -0.97
C LEU A 504 -4.57 -7.00 -0.46
N ASP A 505 -4.61 -8.34 -0.51
CA ASP A 505 -3.50 -9.17 -0.03
C ASP A 505 -3.08 -8.83 1.42
N ASN A 506 -4.10 -8.71 2.27
CA ASN A 506 -3.86 -8.41 3.69
C ASN A 506 -3.69 -9.74 4.43
N ILE A 507 -2.52 -10.35 4.26
CA ILE A 507 -2.28 -11.65 4.89
C ILE A 507 -1.93 -11.50 6.36
N TYR A 508 -2.41 -12.43 7.18
CA TYR A 508 -2.11 -12.52 8.59
C TYR A 508 -1.48 -13.90 8.80
N VAL A 509 -0.27 -13.96 9.33
CA VAL A 509 0.33 -15.30 9.54
C VAL A 509 -0.46 -16.11 10.53
N LYS A 510 -1.28 -15.50 11.41
CA LYS A 510 -2.13 -16.25 12.32
C LYS A 510 -3.14 -17.15 11.61
N ASN A 511 -3.42 -16.91 10.34
CA ASN A 511 -4.36 -17.67 9.56
C ASN A 511 -3.73 -18.81 8.75
N LEU A 512 -2.41 -18.90 8.76
CA LEU A 512 -1.76 -19.93 7.96
C LEU A 512 -1.40 -21.16 8.77
N TYR A 513 -0.97 -22.23 8.08
CA TYR A 513 -0.56 -23.44 8.76
C TYR A 513 0.30 -24.27 7.82
N ILE A 514 1.21 -25.04 8.43
CA ILE A 514 2.11 -25.87 7.62
C ILE A 514 1.64 -27.32 7.61
N ILE A 515 1.34 -27.79 6.41
CA ILE A 515 0.85 -29.15 6.21
C ILE A 515 2.04 -30.10 6.25
N LYS A 516 1.92 -31.27 6.85
CA LYS A 516 2.98 -32.25 6.89
C LYS A 516 3.50 -32.55 5.48
N HIS A 517 4.81 -32.50 5.31
CA HIS A 517 5.38 -32.81 3.98
C HIS A 517 6.72 -33.51 4.13
N LYS B 1 -1.35 1.95 0.29
CA LYS B 1 0.05 1.68 0.72
C LYS B 1 0.99 1.63 -0.49
N VAL B 2 2.23 2.05 -0.33
CA VAL B 2 3.19 2.06 -1.44
C VAL B 2 3.76 0.67 -1.72
N LYS B 3 3.87 0.35 -3.01
CA LYS B 3 4.44 -0.94 -3.36
C LYS B 3 5.59 -0.74 -4.35
U IUM C . -19.27 -3.58 -1.93
U IUM D . -23.67 -0.48 1.83
U IUM E . -25.14 3.19 0.54
U IUM F . 19.31 -9.95 -13.19
U IUM G . 17.54 15.52 -12.67
U IUM H . 9.97 -34.23 5.49
U IUM I . 11.51 -33.33 9.20
U IUM J . 9.38 -34.66 14.05
C ACT K . 21.70 -9.43 -11.21
O ACT K . 22.38 -9.14 -10.21
OXT ACT K . 20.57 -8.92 -11.41
CH3 ACT K . 22.24 -10.41 -12.23
C ACT L . -17.67 -3.97 0.98
O ACT L . -17.73 -3.31 -0.08
OXT ACT L . -16.72 -4.14 1.77
CH3 ACT L . -18.89 -4.76 1.39
C ACT M . -22.20 -4.57 -0.93
O ACT M . -21.65 -3.91 -1.82
OXT ACT M . -23.39 -4.94 -0.94
CH3 ACT M . -21.51 -5.03 0.30
C ACT N . -20.45 0.37 1.75
O ACT N . -21.53 0.30 1.14
OXT ACT N . -19.50 1.10 1.38
CH3 ACT N . -20.12 -0.36 3.00
C ACT O . -23.40 -2.40 4.32
O ACT O . -23.92 -1.98 3.24
OXT ACT O . -23.77 -3.10 5.26
CH3 ACT O . -21.99 -1.88 4.63
C ACT P . -24.97 6.51 1.16
O ACT P . -24.67 5.60 0.37
OXT ACT P . -24.51 7.66 1.16
CH3 ACT P . -25.96 6.26 2.27
C ACT Q . -28.07 2.68 1.91
O ACT Q . -27.25 2.24 1.08
OXT ACT Q . -29.15 2.13 2.23
CH3 ACT Q . -27.86 4.00 2.61
#